data_3RTB
#
_entry.id   3RTB
#
_cell.length_a   121.943
_cell.length_b   121.943
_cell.length_c   155.580
_cell.angle_alpha   90.00
_cell.angle_beta   90.00
_cell.angle_gamma   90.00
#
_symmetry.space_group_name_H-M   'I 4 2 2'
#
loop_
_entity.id
_entity.type
_entity.pdbx_description
1 polymer 'Putative uncharacterized protein'
2 polymer 'Unknown peptide, probably from expression host'
3 non-polymer 'POTASSIUM ION'
4 non-polymer "ADENOSINE-3'-5'-DIPHOSPHATE"
5 non-polymer GLYCEROL
6 water water
#
loop_
_entity_poly.entity_id
_entity_poly.type
_entity_poly.pdbx_seq_one_letter_code
_entity_poly.pdbx_strand_id
1 'polypeptide(L)'
;MGSDKIHHHHHHMKEIDELTIKEYGVDSRILMERAGISVVLAMEEELGNLSDYRFLVLCGGGNNGGDGFVVARNLLGVVK
DVLVVFLGKKKTPDCEYNYGLYKKFGGKVVEQFEPSILNEFDVVVDAIFGTGLRGEITGEYAEIINLVNKSGKVVVSVDV
PSGIDSNTGKVLRTAVKADLTVTFGVPKIGHILFPGRDLTGKLKVANIGHPVHLINSINRYVITREMVRSLLPERPRDSH
KGTYGKVLIIAGSRLYSGAPVLSGMGSLKVGTGLVKLAVPFPQNLIATSRFPELISVPIDTEKGFFSLQNLQECLELSKD
VDVVAIGPGLGNNEHVREFVNEFLKTLEKPAVIDADAINVLDTSVLKERKSPAVLTPHPGEMARLVKKTVGDVKYNYELA
EEFAKENDCVLVLKSATTIVTDGEKTLFNITGNTGLSKGGSGDVLTGMIAGFIAQGLSPLEASTVSVYLHGFAAELFEQD
ERGLTASELLRLIPEAIRRLKE
;
A
2 'polypeptide(L)' AWLFEA B
#
# COMPACT_ATOMS: atom_id res chain seq x y z
N HIS A 12 -7.39 13.63 -8.81
CA HIS A 12 -6.61 13.43 -10.08
C HIS A 12 -5.54 14.54 -10.15
N MET A 13 -4.31 14.15 -10.48
CA MET A 13 -3.34 15.11 -10.98
C MET A 13 -3.82 15.82 -12.27
N LYS A 14 -4.58 15.13 -13.13
CA LYS A 14 -5.10 15.75 -14.36
C LYS A 14 -5.83 17.04 -14.02
N GLU A 15 -6.63 16.99 -12.96
CA GLU A 15 -7.37 18.14 -12.46
C GLU A 15 -6.45 19.20 -11.85
N ILE A 16 -5.39 18.72 -11.25
CA ILE A 16 -4.46 19.61 -10.56
C ILE A 16 -3.59 20.37 -11.54
N ASP A 17 -3.17 19.70 -12.61
CA ASP A 17 -2.57 20.40 -13.73
C ASP A 17 -3.51 21.49 -14.30
N GLU A 18 -4.78 21.13 -14.55
CA GLU A 18 -5.77 22.07 -15.12
C GLU A 18 -5.96 23.29 -14.24
N LEU A 19 -6.11 23.09 -12.94
CA LEU A 19 -6.32 24.23 -12.06
C LEU A 19 -5.04 25.08 -12.02
N THR A 20 -3.87 24.42 -12.05
CA THR A 20 -2.63 25.13 -11.93
C THR A 20 -2.45 26.02 -13.18
N ILE A 21 -2.84 25.49 -14.35
CA ILE A 21 -2.79 26.29 -15.57
C ILE A 21 -3.89 27.36 -15.58
N LYS A 22 -5.13 26.93 -15.49
CA LYS A 22 -6.28 27.79 -15.74
C LYS A 22 -6.60 28.79 -14.63
N GLU A 23 -6.43 28.41 -13.36
CA GLU A 23 -6.75 29.32 -12.26
C GLU A 23 -5.54 30.01 -11.67
N TYR A 24 -4.43 29.30 -11.57
CA TYR A 24 -3.21 29.92 -11.03
C TYR A 24 -2.46 30.64 -12.13
N GLY A 25 -2.71 30.26 -13.37
CA GLY A 25 -2.05 30.96 -14.48
C GLY A 25 -0.66 30.52 -14.86
N VAL A 26 -0.25 29.34 -14.42
CA VAL A 26 1.07 28.82 -14.83
C VAL A 26 0.98 28.31 -16.26
N ASP A 27 1.81 28.81 -17.15
CA ASP A 27 1.79 28.37 -18.55
C ASP A 27 1.97 26.86 -18.59
N SER A 28 1.14 26.15 -19.37
CA SER A 28 1.30 24.68 -19.54
C SER A 28 2.75 24.33 -19.94
N ARG A 29 3.37 25.17 -20.77
CA ARG A 29 4.75 24.92 -21.18
C ARG A 29 5.77 24.94 -20.06
N ILE A 30 5.50 25.74 -19.02
CA ILE A 30 6.36 25.84 -17.85
C ILE A 30 6.28 24.55 -17.04
N LEU A 31 5.07 24.02 -16.83
CA LEU A 31 4.89 22.68 -16.20
C LEU A 31 5.63 21.58 -16.99
N MET A 32 5.52 21.63 -18.32
CA MET A 32 6.13 20.62 -19.16
C MET A 32 7.69 20.72 -19.09
N GLU A 33 8.22 21.93 -19.14
CA GLU A 33 9.68 22.12 -19.00
C GLU A 33 10.19 21.57 -17.66
N ARG A 34 9.51 21.93 -16.58
CA ARG A 34 9.89 21.49 -15.26
C ARG A 34 9.83 19.96 -15.17
N ALA A 35 8.79 19.34 -15.76
CA ALA A 35 8.69 17.90 -15.79
C ALA A 35 9.89 17.28 -16.45
N GLY A 36 10.23 17.75 -17.64
CA GLY A 36 11.33 17.14 -18.36
C GLY A 36 12.68 17.36 -17.66
N ILE A 37 12.92 18.53 -17.13
CA ILE A 37 14.25 18.70 -16.49
C ILE A 37 14.31 17.88 -15.23
N SER A 38 13.18 17.66 -14.58
CA SER A 38 13.18 16.83 -13.39
C SER A 38 13.56 15.37 -13.74
N VAL A 39 13.16 14.89 -14.92
CA VAL A 39 13.56 13.57 -15.39
C VAL A 39 15.10 13.52 -15.61
N VAL A 40 15.65 14.58 -16.18
CA VAL A 40 17.08 14.65 -16.45
C VAL A 40 17.81 14.59 -15.10
N LEU A 41 17.37 15.38 -14.12
CA LEU A 41 18.05 15.41 -12.80
C LEU A 41 17.96 14.08 -12.08
N ALA A 42 16.82 13.41 -12.20
CA ALA A 42 16.60 12.11 -11.58
C ALA A 42 17.55 11.03 -12.18
N MET A 43 17.71 11.09 -13.49
CA MET A 43 18.56 10.13 -14.17
C MET A 43 20.02 10.33 -13.78
N GLU A 44 20.39 11.58 -13.62
CA GLU A 44 21.74 11.90 -13.19
C GLU A 44 22.04 11.38 -11.76
N GLU A 45 21.13 11.62 -10.83
CA GLU A 45 21.14 11.06 -9.47
C GLU A 45 21.29 9.54 -9.52
N GLU A 46 20.65 8.87 -10.46
CA GLU A 46 20.71 7.43 -10.53
C GLU A 46 21.91 6.87 -11.30
N LEU A 47 22.29 7.51 -12.40
CA LEU A 47 23.32 6.99 -13.26
C LEU A 47 24.69 7.62 -13.01
N GLY A 48 24.70 8.75 -12.31
CA GLY A 48 25.91 9.55 -12.18
C GLY A 48 25.95 10.48 -13.37
N ASN A 49 27.13 10.95 -13.69
CA ASN A 49 27.38 11.72 -14.90
C ASN A 49 26.79 11.13 -16.20
N LEU A 50 25.94 11.89 -16.87
CA LEU A 50 25.24 11.42 -18.05
C LEU A 50 26.09 11.47 -19.34
N SER A 51 27.23 12.12 -19.29
CA SER A 51 27.89 12.48 -20.55
C SER A 51 28.39 11.27 -21.35
N ASP A 52 28.61 10.14 -20.69
CA ASP A 52 29.04 8.91 -21.37
C ASP A 52 27.91 8.05 -21.95
N TYR A 53 26.67 8.42 -21.78
CA TYR A 53 25.57 7.56 -22.17
C TYR A 53 24.89 8.02 -23.46
N ARG A 54 24.36 7.06 -24.20
CA ARG A 54 23.60 7.35 -25.39
C ARG A 54 22.13 7.08 -25.04
N PHE A 55 21.26 8.05 -25.33
CA PHE A 55 19.84 8.00 -24.94
C PHE A 55 18.88 7.82 -26.13
N LEU A 56 17.96 6.87 -25.97
CA LEU A 56 16.86 6.63 -26.93
C LEU A 56 15.60 7.03 -26.28
N VAL A 57 14.94 8.00 -26.86
CA VAL A 57 13.78 8.57 -26.22
C VAL A 57 12.57 8.24 -27.10
N LEU A 58 11.59 7.56 -26.52
CA LEU A 58 10.44 7.10 -27.25
C LEU A 58 9.28 8.00 -26.88
N CYS A 59 8.81 8.82 -27.83
CA CYS A 59 7.80 9.82 -27.56
C CYS A 59 6.50 9.46 -28.23
N GLY A 60 5.43 9.51 -27.45
CA GLY A 60 4.10 9.48 -28.05
C GLY A 60 3.70 10.89 -28.45
N GLY A 61 2.47 10.98 -28.94
CA GLY A 61 1.88 12.22 -29.36
C GLY A 61 1.31 13.13 -28.27
N GLY A 62 1.19 12.64 -27.05
CA GLY A 62 0.51 13.40 -26.03
C GLY A 62 1.48 14.17 -25.20
N ASN A 63 1.03 14.63 -24.06
CA ASN A 63 1.90 15.44 -23.23
C ASN A 63 3.04 14.66 -22.57
N ASN A 64 2.88 13.33 -22.42
CA ASN A 64 3.93 12.51 -21.95
C ASN A 64 5.05 12.56 -22.96
N GLY A 65 4.68 12.45 -24.23
CA GLY A 65 5.69 12.62 -25.28
C GLY A 65 6.33 13.99 -25.28
N GLY A 66 5.49 15.01 -25.02
CA GLY A 66 5.99 16.39 -24.89
C GLY A 66 7.09 16.45 -23.79
N ASP A 67 6.81 15.84 -22.64
CA ASP A 67 7.80 15.77 -21.58
C ASP A 67 9.10 15.11 -22.14
N GLY A 68 8.94 14.06 -22.93
CA GLY A 68 10.07 13.38 -23.56
C GLY A 68 10.92 14.26 -24.46
N PHE A 69 10.26 15.08 -25.28
CA PHE A 69 10.97 16.03 -26.12
C PHE A 69 11.77 17.02 -25.31
N VAL A 70 11.25 17.44 -24.16
CA VAL A 70 12.00 18.31 -23.25
C VAL A 70 13.25 17.60 -22.71
N VAL A 71 13.11 16.33 -22.32
CA VAL A 71 14.25 15.51 -21.87
C VAL A 71 15.31 15.45 -22.97
N ALA A 72 14.87 15.04 -24.15
CA ALA A 72 15.79 14.88 -25.29
C ALA A 72 16.50 16.20 -25.59
N ARG A 73 15.76 17.28 -25.63
CA ARG A 73 16.35 18.58 -25.92
C ARG A 73 17.38 19.01 -24.87
N ASN A 74 17.08 18.80 -23.60
CA ASN A 74 18.01 19.10 -22.51
C ASN A 74 19.26 18.20 -22.43
N LEU A 75 19.26 17.07 -23.14
CA LEU A 75 20.44 16.21 -23.24
C LEU A 75 21.37 16.55 -24.42
N LEU A 76 20.83 17.29 -25.39
CA LEU A 76 21.57 17.68 -26.56
C LEU A 76 22.88 18.43 -26.20
N GLY A 77 23.97 18.01 -26.81
CA GLY A 77 25.26 18.62 -26.57
C GLY A 77 25.92 18.26 -25.26
N VAL A 78 25.24 17.52 -24.40
CA VAL A 78 25.74 17.20 -23.07
C VAL A 78 26.07 15.71 -22.96
N VAL A 79 25.35 14.88 -23.69
CA VAL A 79 25.57 13.44 -23.64
C VAL A 79 26.16 12.91 -24.97
N LYS A 80 26.55 11.66 -24.97
CA LYS A 80 27.15 11.05 -26.13
C LYS A 80 26.31 11.00 -27.39
N ASP A 81 25.05 10.61 -27.28
CA ASP A 81 24.12 10.62 -28.40
C ASP A 81 22.69 10.67 -27.86
N VAL A 82 21.83 11.36 -28.60
CA VAL A 82 20.38 11.37 -28.34
C VAL A 82 19.64 11.15 -29.63
N LEU A 83 18.68 10.25 -29.62
CA LEU A 83 17.73 10.10 -30.73
C LEU A 83 16.30 10.01 -30.17
N VAL A 84 15.35 10.68 -30.83
CA VAL A 84 13.95 10.52 -30.49
C VAL A 84 13.29 9.68 -31.58
N VAL A 85 12.58 8.62 -31.20
CA VAL A 85 11.68 7.92 -32.10
C VAL A 85 10.30 8.41 -31.75
N PHE A 86 9.65 9.08 -32.72
CA PHE A 86 8.31 9.63 -32.51
C PHE A 86 7.30 8.64 -33.01
N LEU A 87 6.46 8.15 -32.11
CA LEU A 87 5.58 6.99 -32.35
C LEU A 87 4.14 7.36 -32.59
N GLY A 88 3.76 8.60 -32.28
CA GLY A 88 2.39 9.03 -32.46
C GLY A 88 2.04 9.37 -33.89
N LYS A 89 0.80 9.83 -34.06
CA LYS A 89 0.30 10.30 -35.34
C LYS A 89 0.09 11.78 -35.39
N LYS A 90 -0.17 12.39 -34.27
CA LYS A 90 -0.41 13.83 -34.20
C LYS A 90 0.12 14.20 -32.84
N LYS A 91 0.29 15.49 -32.60
CA LYS A 91 0.91 15.95 -31.39
C LYS A 91 -0.01 16.98 -30.77
N THR A 92 -0.17 16.91 -29.44
CA THR A 92 -0.90 17.95 -28.74
C THR A 92 -0.10 19.28 -28.84
N PRO A 93 -0.75 20.40 -28.52
CA PRO A 93 0.01 21.67 -28.69
C PRO A 93 1.35 21.74 -27.91
N ASP A 94 1.40 21.24 -26.70
CA ASP A 94 2.65 21.34 -25.96
C ASP A 94 3.67 20.35 -26.48
N CYS A 95 3.21 19.16 -26.91
CA CYS A 95 4.10 18.22 -27.53
C CYS A 95 4.70 18.81 -28.83
N GLU A 96 3.84 19.38 -29.66
CA GLU A 96 4.28 20.04 -30.91
C GLU A 96 5.36 21.14 -30.67
N TYR A 97 5.14 21.97 -29.65
CA TYR A 97 6.06 23.09 -29.32
C TYR A 97 7.40 22.54 -28.92
N ASN A 98 7.38 21.49 -28.11
CA ASN A 98 8.62 20.93 -27.64
C ASN A 98 9.38 20.05 -28.68
N TYR A 99 8.62 19.42 -29.57
CA TYR A 99 9.16 18.79 -30.79
C TYR A 99 9.87 19.84 -31.60
N GLY A 100 9.22 20.97 -31.79
CA GLY A 100 9.76 22.10 -32.52
C GLY A 100 11.06 22.58 -31.92
N LEU A 101 11.12 22.74 -30.60
CA LEU A 101 12.39 23.17 -29.94
C LEU A 101 13.54 22.17 -30.08
N TYR A 102 13.20 20.89 -29.90
CA TYR A 102 14.15 19.80 -30.04
C TYR A 102 14.76 19.86 -31.41
N LYS A 103 13.94 19.99 -32.44
CA LYS A 103 14.50 20.15 -33.81
C LYS A 103 15.32 21.45 -34.02
N LYS A 104 14.85 22.62 -33.55
CA LYS A 104 15.61 23.87 -33.68
C LYS A 104 16.99 23.74 -32.98
N PHE A 105 17.01 23.03 -31.86
CA PHE A 105 18.25 22.79 -31.12
C PHE A 105 19.20 21.81 -31.81
N GLY A 106 18.79 21.22 -32.92
CA GLY A 106 19.63 20.32 -33.71
C GLY A 106 19.37 18.85 -33.43
N GLY A 107 18.25 18.50 -32.83
CA GLY A 107 18.01 17.11 -32.46
C GLY A 107 17.51 16.23 -33.58
N LYS A 108 17.81 14.93 -33.49
CA LYS A 108 17.37 13.95 -34.51
C LYS A 108 16.08 13.24 -34.06
N VAL A 109 15.11 13.22 -34.96
CA VAL A 109 13.89 12.45 -34.78
C VAL A 109 13.70 11.50 -35.94
N VAL A 110 13.38 10.25 -35.65
CA VAL A 110 12.90 9.35 -36.68
C VAL A 110 11.50 8.94 -36.25
N GLU A 111 10.72 8.46 -37.22
CA GLU A 111 9.34 8.04 -37.03
C GLU A 111 9.12 6.53 -37.22
N GLN A 112 10.16 5.76 -37.56
CA GLN A 112 10.07 4.30 -37.62
C GLN A 112 10.97 3.69 -36.55
N PHE A 113 10.42 2.73 -35.80
CA PHE A 113 11.17 1.97 -34.80
C PHE A 113 11.80 0.76 -35.48
N GLU A 114 13.12 0.71 -35.42
CA GLU A 114 13.85 -0.42 -36.01
C GLU A 114 14.40 -1.24 -34.82
N PRO A 115 14.00 -2.53 -34.70
CA PRO A 115 14.44 -3.42 -33.61
C PRO A 115 15.93 -3.30 -33.28
N SER A 116 16.77 -3.21 -34.29
CA SER A 116 18.21 -3.07 -34.08
C SER A 116 18.65 -1.70 -33.57
N ILE A 117 17.73 -0.73 -33.47
CA ILE A 117 18.12 0.58 -32.98
C ILE A 117 18.48 0.51 -31.49
N LEU A 118 17.87 -0.41 -30.75
CA LEU A 118 18.22 -0.61 -29.34
C LEU A 118 19.70 -0.93 -29.15
N ASN A 119 20.31 -1.60 -30.12
CA ASN A 119 21.74 -1.90 -30.09
C ASN A 119 22.64 -0.73 -29.83
N GLU A 120 22.23 0.45 -30.30
CA GLU A 120 23.15 1.60 -30.30
C GLU A 120 22.94 2.56 -29.14
N PHE A 121 22.15 2.16 -28.15
CA PHE A 121 21.82 3.07 -27.05
C PHE A 121 21.96 2.40 -25.70
N ASP A 122 22.19 3.18 -24.67
CA ASP A 122 22.41 2.64 -23.34
C ASP A 122 21.16 2.80 -22.45
N VAL A 123 20.44 3.87 -22.68
CA VAL A 123 19.29 4.21 -21.88
C VAL A 123 18.12 4.47 -22.81
N VAL A 124 16.97 3.87 -22.47
CA VAL A 124 15.71 4.12 -23.13
C VAL A 124 14.86 4.98 -22.22
N VAL A 125 14.41 6.13 -22.73
CA VAL A 125 13.52 7.01 -22.00
C VAL A 125 12.13 6.73 -22.56
N ASP A 126 11.25 6.20 -21.72
CA ASP A 126 9.91 5.76 -22.14
C ASP A 126 8.95 6.92 -21.92
N ALA A 127 8.69 7.70 -22.97
CA ALA A 127 7.71 8.78 -22.91
C ALA A 127 6.59 8.50 -23.93
N ILE A 128 6.19 7.24 -24.03
CA ILE A 128 5.18 6.84 -25.01
C ILE A 128 3.76 7.21 -24.54
N PHE A 129 3.32 6.65 -23.42
CA PHE A 129 2.00 6.99 -22.84
C PHE A 129 2.11 7.41 -21.39
N GLY A 130 1.22 8.30 -20.98
CA GLY A 130 1.20 8.67 -19.56
C GLY A 130 -0.02 8.19 -18.79
N THR A 131 -0.45 9.04 -17.87
CA THR A 131 -1.54 8.74 -17.00
C THR A 131 -2.88 8.80 -17.75
N GLY A 132 -3.92 8.24 -17.20
CA GLY A 132 -5.18 8.24 -17.94
C GLY A 132 -5.24 7.41 -19.24
N LEU A 133 -4.15 6.75 -19.69
CA LEU A 133 -4.29 5.73 -20.76
C LEU A 133 -5.33 4.74 -20.32
N ARG A 134 -6.29 4.42 -21.18
CA ARG A 134 -7.41 3.49 -20.79
C ARG A 134 -7.49 2.18 -21.56
N GLY A 135 -6.99 2.15 -22.79
CA GLY A 135 -7.20 1.00 -23.65
C GLY A 135 -6.05 0.02 -23.63
N GLU A 136 -6.37 -1.24 -23.91
CA GLU A 136 -5.37 -2.30 -24.14
C GLU A 136 -4.42 -1.90 -25.28
N ILE A 137 -3.11 -2.02 -25.06
CA ILE A 137 -2.10 -1.69 -26.08
C ILE A 137 -1.92 -2.90 -27.01
N THR A 138 -2.11 -2.70 -28.30
CA THR A 138 -1.83 -3.76 -29.29
C THR A 138 -0.99 -3.18 -30.45
N GLY A 139 -0.84 -3.97 -31.50
CA GLY A 139 -0.16 -3.50 -32.70
C GLY A 139 1.29 -3.15 -32.42
N GLU A 140 1.74 -2.07 -33.05
CA GLU A 140 3.15 -1.74 -33.09
C GLU A 140 3.60 -1.18 -31.79
N TYR A 141 2.73 -0.51 -31.05
CA TYR A 141 3.09 -0.02 -29.71
C TYR A 141 3.50 -1.20 -28.80
N ALA A 142 2.69 -2.24 -28.82
CA ALA A 142 2.99 -3.46 -28.11
C ALA A 142 4.36 -4.01 -28.52
N GLU A 143 4.62 -4.11 -29.82
CA GLU A 143 5.87 -4.70 -30.29
C GLU A 143 7.03 -3.92 -29.79
N ILE A 144 6.93 -2.59 -29.87
CA ILE A 144 8.00 -1.74 -29.39
C ILE A 144 8.21 -1.94 -27.87
N ILE A 145 7.12 -1.94 -27.11
CA ILE A 145 7.22 -2.11 -25.66
C ILE A 145 7.88 -3.47 -25.32
N ASN A 146 7.50 -4.52 -26.04
CA ASN A 146 8.06 -5.86 -25.82
C ASN A 146 9.55 -5.95 -26.18
N LEU A 147 9.94 -5.30 -27.26
CA LEU A 147 11.35 -5.15 -27.60
C LEU A 147 12.16 -4.40 -26.55
N VAL A 148 11.64 -3.30 -25.99
CA VAL A 148 12.33 -2.57 -24.96
C VAL A 148 12.51 -3.46 -23.71
N ASN A 149 11.46 -4.20 -23.34
CA ASN A 149 11.55 -5.16 -22.25
C ASN A 149 12.52 -6.29 -22.42
N LYS A 150 12.80 -6.71 -23.65
CA LYS A 150 13.76 -7.80 -23.88
C LYS A 150 15.18 -7.25 -24.04
N SER A 151 15.34 -5.93 -24.08
CA SER A 151 16.59 -5.36 -24.58
C SER A 151 17.72 -5.34 -23.57
N GLY A 152 17.42 -5.42 -22.28
CA GLY A 152 18.46 -5.35 -21.24
C GLY A 152 19.01 -3.94 -20.96
N LYS A 153 18.41 -2.92 -21.56
CA LYS A 153 18.92 -1.58 -21.38
C LYS A 153 18.29 -0.99 -20.11
N VAL A 154 18.87 0.10 -19.66
CA VAL A 154 18.34 0.87 -18.56
C VAL A 154 17.10 1.61 -19.05
N VAL A 155 16.00 1.47 -18.34
CA VAL A 155 14.74 2.06 -18.77
C VAL A 155 14.21 3.06 -17.75
N VAL A 156 14.02 4.30 -18.21
CA VAL A 156 13.50 5.36 -17.38
C VAL A 156 12.17 5.71 -17.94
N SER A 157 11.12 5.58 -17.13
CA SER A 157 9.76 5.92 -17.56
C SER A 157 9.31 7.32 -17.06
N VAL A 158 8.81 8.11 -18.00
CA VAL A 158 8.28 9.41 -17.71
C VAL A 158 6.85 9.25 -17.23
N ASP A 159 6.61 9.73 -16.01
CA ASP A 159 5.29 9.71 -15.32
C ASP A 159 4.81 8.35 -14.79
N VAL A 160 4.48 7.44 -15.68
CA VAL A 160 4.12 6.05 -15.35
C VAL A 160 4.69 5.20 -16.48
N PRO A 161 5.18 4.02 -16.15
CA PRO A 161 5.55 3.11 -17.21
C PRO A 161 4.40 2.93 -18.21
N SER A 162 4.71 3.13 -19.51
CA SER A 162 3.70 3.08 -20.54
C SER A 162 3.02 1.74 -20.59
N GLY A 163 1.69 1.74 -20.49
CA GLY A 163 0.93 0.51 -20.42
C GLY A 163 0.37 0.19 -19.05
N ILE A 164 0.79 0.90 -18.00
CA ILE A 164 0.13 0.79 -16.71
C ILE A 164 -1.06 1.73 -16.68
N ASP A 165 -2.20 1.26 -16.22
CA ASP A 165 -3.36 2.13 -15.96
C ASP A 165 -3.10 2.83 -14.64
N SER A 166 -2.96 4.14 -14.70
CA SER A 166 -2.47 4.91 -13.57
C SER A 166 -3.50 5.03 -12.45
N ASN A 167 -4.75 4.72 -12.73
CA ASN A 167 -5.80 4.64 -11.69
C ASN A 167 -5.97 3.31 -10.97
N THR A 168 -5.41 2.24 -11.53
CA THR A 168 -5.63 0.93 -10.96
C THR A 168 -4.31 0.15 -10.76
N GLY A 169 -3.24 0.44 -11.50
CA GLY A 169 -2.05 -0.38 -11.43
C GLY A 169 -2.08 -1.62 -12.31
N LYS A 170 -3.15 -1.81 -13.06
CA LYS A 170 -3.22 -2.93 -14.00
C LYS A 170 -2.39 -2.72 -15.27
N VAL A 171 -1.91 -3.82 -15.82
CA VAL A 171 -1.22 -3.80 -17.10
C VAL A 171 -2.27 -3.81 -18.22
N LEU A 172 -2.15 -2.88 -19.17
CA LEU A 172 -3.11 -2.80 -20.27
C LEU A 172 -2.51 -3.60 -21.44
N ARG A 173 -2.66 -4.91 -21.32
CA ARG A 173 -2.12 -5.93 -22.23
C ARG A 173 -0.59 -6.06 -22.19
N THR A 174 0.14 -4.97 -22.37
CA THR A 174 1.57 -5.05 -22.06
C THR A 174 2.03 -3.68 -21.60
N ALA A 175 3.16 -3.66 -20.89
CA ALA A 175 3.63 -2.46 -20.24
C ALA A 175 5.13 -2.48 -20.07
N VAL A 176 5.71 -1.29 -20.07
CA VAL A 176 7.13 -1.12 -19.90
C VAL A 176 7.53 -1.52 -18.50
N LYS A 177 8.62 -2.28 -18.37
CA LYS A 177 9.25 -2.52 -17.08
C LYS A 177 10.42 -1.55 -16.90
N ALA A 178 10.23 -0.57 -16.03
CA ALA A 178 11.22 0.53 -15.80
C ALA A 178 12.23 0.24 -14.69
N ASP A 179 13.47 0.65 -14.87
CA ASP A 179 14.41 0.74 -13.71
C ASP A 179 14.10 1.95 -12.82
N LEU A 180 13.65 3.03 -13.45
CA LEU A 180 13.39 4.29 -12.75
C LEU A 180 12.15 4.93 -13.35
N THR A 181 11.25 5.39 -12.51
CA THR A 181 10.08 6.14 -12.94
C THR A 181 10.10 7.48 -12.25
N VAL A 182 9.90 8.54 -13.01
CA VAL A 182 9.87 9.88 -12.48
C VAL A 182 8.46 10.40 -12.71
N THR A 183 7.72 10.61 -11.62
CA THR A 183 6.37 11.14 -11.70
C THR A 183 6.28 12.57 -11.12
N PHE A 184 5.13 13.20 -11.26
CA PHE A 184 5.04 14.67 -11.03
C PHE A 184 3.98 14.99 -9.98
N GLY A 185 4.37 15.73 -8.96
CA GLY A 185 3.42 16.12 -7.92
C GLY A 185 3.19 15.09 -6.82
N VAL A 186 2.55 13.98 -7.16
CA VAL A 186 2.19 12.93 -6.21
C VAL A 186 2.37 11.55 -6.87
N PRO A 187 2.64 10.52 -6.05
CA PRO A 187 2.56 9.21 -6.63
C PRO A 187 1.15 8.91 -7.16
N LYS A 188 1.04 8.13 -8.21
CA LYS A 188 -0.27 7.74 -8.72
C LYS A 188 -0.61 6.36 -8.17
N ILE A 189 -1.90 6.07 -8.17
CA ILE A 189 -2.35 4.77 -7.70
C ILE A 189 -1.66 3.63 -8.44
N GLY A 190 -1.41 3.81 -9.74
CA GLY A 190 -0.72 2.79 -10.52
C GLY A 190 0.75 2.48 -10.23
N HIS A 191 1.40 3.39 -9.50
CA HIS A 191 2.73 3.18 -8.93
C HIS A 191 2.64 2.37 -7.64
N ILE A 192 1.49 2.39 -6.98
CA ILE A 192 1.35 1.94 -5.61
C ILE A 192 0.81 0.51 -5.52
N LEU A 193 -0.16 0.17 -6.40
CA LEU A 193 -0.74 -1.09 -6.52
C LEU A 193 0.00 -1.96 -7.54
N PHE A 194 -0.01 -3.28 -7.33
CA PHE A 194 0.64 -4.22 -8.28
C PHE A 194 -0.39 -4.61 -9.34
N PRO A 195 0.05 -4.95 -10.56
CA PRO A 195 1.47 -5.11 -10.98
C PRO A 195 2.25 -3.81 -11.19
N GLY A 196 1.54 -2.68 -11.25
CA GLY A 196 2.17 -1.45 -11.64
C GLY A 196 3.33 -1.10 -10.73
N ARG A 197 3.19 -1.38 -9.45
CA ARG A 197 4.22 -1.06 -8.50
C ARG A 197 5.51 -1.79 -8.86
N ASP A 198 5.37 -3.02 -9.32
CA ASP A 198 6.53 -3.76 -9.73
C ASP A 198 7.18 -3.20 -11.01
N LEU A 199 6.37 -2.72 -11.92
CA LEU A 199 6.92 -2.29 -13.19
C LEU A 199 7.54 -0.87 -13.12
N THR A 200 7.26 -0.18 -12.02
CA THR A 200 7.64 1.22 -11.77
C THR A 200 9.13 1.29 -11.47
N GLY A 201 9.67 0.22 -10.85
CA GLY A 201 11.05 0.20 -10.41
C GLY A 201 11.21 1.27 -9.34
N LYS A 202 12.33 1.97 -9.32
CA LYS A 202 12.54 3.00 -8.33
C LYS A 202 11.73 4.23 -8.69
N LEU A 203 10.94 4.74 -7.74
CA LEU A 203 10.04 5.87 -8.06
C LEU A 203 10.55 7.14 -7.44
N LYS A 204 10.70 8.19 -8.25
CA LYS A 204 10.97 9.52 -7.72
C LYS A 204 9.76 10.41 -7.99
N VAL A 205 9.33 11.21 -7.00
CA VAL A 205 8.23 12.15 -7.16
C VAL A 205 8.79 13.57 -7.21
N ALA A 206 8.68 14.20 -8.38
CA ALA A 206 9.22 15.54 -8.59
C ALA A 206 8.19 16.62 -8.32
N ASN A 207 8.65 17.69 -7.66
CA ASN A 207 7.94 18.94 -7.59
C ASN A 207 8.12 19.74 -8.94
N ILE A 208 7.03 19.93 -9.68
CA ILE A 208 7.10 20.66 -10.98
C ILE A 208 6.35 21.98 -10.96
N GLY A 209 5.98 22.39 -9.75
CA GLY A 209 5.53 23.75 -9.49
C GLY A 209 4.06 23.91 -9.20
N HIS A 210 3.29 22.81 -9.06
CA HIS A 210 1.90 22.91 -8.55
C HIS A 210 1.88 23.58 -7.18
N PRO A 211 0.87 24.41 -6.90
CA PRO A 211 0.71 25.01 -5.56
C PRO A 211 0.64 23.90 -4.52
N VAL A 212 1.32 24.08 -3.41
CA VAL A 212 1.40 23.02 -2.41
C VAL A 212 0.03 22.68 -1.85
N HIS A 213 -0.86 23.67 -1.76
CA HIS A 213 -2.26 23.45 -1.39
C HIS A 213 -3.00 22.45 -2.27
N LEU A 214 -2.80 22.46 -3.58
CA LEU A 214 -3.47 21.46 -4.41
C LEU A 214 -2.84 20.07 -4.25
N ILE A 215 -1.53 20.02 -4.05
CA ILE A 215 -0.84 18.75 -3.88
C ILE A 215 -1.40 18.10 -2.64
N ASN A 216 -1.59 18.90 -1.60
CA ASN A 216 -2.15 18.42 -0.31
C ASN A 216 -3.60 18.04 -0.29
N SER A 217 -4.38 18.47 -1.27
CA SER A 217 -5.79 18.20 -1.26
C SER A 217 -6.13 16.74 -1.62
N ILE A 218 -5.20 15.98 -2.18
CA ILE A 218 -5.37 14.55 -2.52
C ILE A 218 -5.87 13.74 -1.31
N ASN A 219 -6.87 12.89 -1.49
CA ASN A 219 -7.53 12.21 -0.35
C ASN A 219 -7.09 10.72 -0.19
N ARG A 220 -6.13 10.32 -0.98
CA ARG A 220 -5.58 8.99 -0.92
C ARG A 220 -4.07 9.16 -0.83
N TYR A 221 -3.48 8.57 0.20
CA TYR A 221 -2.10 8.81 0.57
C TYR A 221 -1.29 7.54 0.75
N VAL A 222 0.00 7.63 0.54
CA VAL A 222 0.90 6.59 0.92
C VAL A 222 1.31 6.80 2.37
N ILE A 223 1.32 5.74 3.15
CA ILE A 223 1.69 5.87 4.57
C ILE A 223 3.23 5.97 4.63
N THR A 224 3.70 7.05 5.22
CA THR A 224 5.13 7.33 5.31
C THR A 224 5.63 7.23 6.75
N ARG A 225 6.95 7.11 6.87
CA ARG A 225 7.61 7.08 8.14
C ARG A 225 7.17 8.28 8.98
N GLU A 226 7.05 9.45 8.38
CA GLU A 226 6.88 10.70 9.11
C GLU A 226 5.46 10.71 9.65
N MET A 227 4.53 10.22 8.84
CA MET A 227 3.15 10.12 9.30
C MET A 227 3.05 9.13 10.48
N VAL A 228 3.72 8.00 10.40
CA VAL A 228 3.61 7.04 11.50
C VAL A 228 4.30 7.58 12.74
N ARG A 229 5.42 8.29 12.58
CA ARG A 229 6.13 8.82 13.74
C ARG A 229 5.26 9.81 14.44
N SER A 230 4.56 10.67 13.72
CA SER A 230 3.71 11.62 14.43
C SER A 230 2.40 11.01 15.01
N LEU A 231 2.02 9.78 14.64
CA LEU A 231 0.85 9.12 15.26
C LEU A 231 1.18 8.25 16.48
N LEU A 232 2.41 7.77 16.58
CA LEU A 232 2.82 6.93 17.69
C LEU A 232 2.45 7.56 19.04
N PRO A 233 1.77 6.85 19.94
CA PRO A 233 1.43 7.50 21.20
C PRO A 233 2.60 7.90 22.07
N GLU A 234 2.36 8.89 22.92
CA GLU A 234 3.32 9.33 23.92
C GLU A 234 3.42 8.32 25.06
N ARG A 235 4.58 8.27 25.71
CA ARG A 235 4.80 7.42 26.84
C ARG A 235 5.18 8.35 28.00
N PRO A 236 4.19 8.89 28.70
CA PRO A 236 4.53 9.77 29.82
C PRO A 236 5.24 8.94 30.87
N ARG A 237 6.31 9.50 31.40
CA ARG A 237 7.07 8.82 32.42
C ARG A 237 6.27 8.40 33.64
N ASP A 238 5.37 9.25 34.11
CA ASP A 238 4.59 8.86 35.26
C ASP A 238 3.34 8.08 34.82
N SER A 239 3.48 6.82 34.51
CA SER A 239 2.38 6.07 33.93
C SER A 239 2.35 4.71 34.64
N HIS A 240 1.38 3.89 34.27
CA HIS A 240 1.27 2.55 34.83
C HIS A 240 0.57 1.74 33.75
N LYS A 241 0.40 0.46 33.96
CA LYS A 241 -0.03 -0.33 32.85
C LYS A 241 -1.37 0.08 32.25
N GLY A 242 -2.27 0.56 33.09
CA GLY A 242 -3.56 1.02 32.61
C GLY A 242 -3.50 2.24 31.73
N THR A 243 -2.48 3.07 31.92
CA THR A 243 -2.20 4.15 31.00
C THR A 243 -2.14 3.66 29.54
N TYR A 244 -1.61 2.44 29.34
CA TYR A 244 -1.35 1.94 28.02
C TYR A 244 -2.43 0.93 27.55
N GLY A 245 -3.57 0.89 28.24
CA GLY A 245 -4.70 0.06 27.83
C GLY A 245 -4.63 -1.43 28.09
N LYS A 246 -5.79 -2.05 27.88
CA LYS A 246 -6.02 -3.43 28.06
C LYS A 246 -6.78 -4.01 26.88
N VAL A 247 -6.31 -5.15 26.41
CA VAL A 247 -6.87 -5.86 25.28
C VAL A 247 -7.38 -7.21 25.73
N LEU A 248 -8.55 -7.58 25.25
CA LEU A 248 -9.00 -8.96 25.28
C LEU A 248 -8.92 -9.53 23.85
N ILE A 249 -8.35 -10.70 23.73
CA ILE A 249 -8.32 -11.39 22.48
C ILE A 249 -9.05 -12.74 22.64
N ILE A 250 -10.12 -12.90 21.86
CA ILE A 250 -10.95 -14.09 21.84
C ILE A 250 -10.53 -14.84 20.59
N ALA A 251 -9.91 -16.00 20.79
CA ALA A 251 -9.18 -16.66 19.69
C ALA A 251 -8.88 -18.11 20.02
N GLY A 252 -8.59 -18.88 18.99
CA GLY A 252 -8.10 -20.24 19.15
C GLY A 252 -9.23 -21.25 19.25
N SER A 253 -8.83 -22.51 19.23
CA SER A 253 -9.69 -23.65 19.18
C SER A 253 -8.78 -24.85 19.32
N ARG A 254 -9.36 -26.04 19.39
CA ARG A 254 -8.59 -27.25 19.54
C ARG A 254 -7.74 -27.48 18.27
N LEU A 255 -8.25 -27.04 17.10
CA LEU A 255 -7.53 -27.13 15.83
C LEU A 255 -6.42 -26.11 15.70
N TYR A 256 -6.67 -24.90 16.18
CA TYR A 256 -5.74 -23.76 15.94
C TYR A 256 -5.29 -23.13 17.23
N SER A 257 -4.28 -23.72 17.86
CA SER A 257 -3.89 -23.31 19.22
C SER A 257 -2.84 -22.19 19.25
N GLY A 258 -2.17 -21.98 18.13
CA GLY A 258 -1.12 -20.98 18.03
C GLY A 258 -1.54 -19.54 17.81
N ALA A 259 -2.64 -19.34 17.07
CA ALA A 259 -3.15 -18.01 16.77
C ALA A 259 -3.18 -17.05 17.97
N PRO A 260 -3.75 -17.48 19.12
CA PRO A 260 -3.92 -16.56 20.29
C PRO A 260 -2.61 -15.97 20.80
N VAL A 261 -1.60 -16.80 20.78
CA VAL A 261 -0.29 -16.49 21.27
C VAL A 261 0.31 -15.37 20.42
N LEU A 262 0.18 -15.45 19.11
CA LEU A 262 0.77 -14.50 18.19
C LEU A 262 0.03 -13.18 18.23
N SER A 263 -1.29 -13.21 18.31
CA SER A 263 -2.05 -11.98 18.48
C SER A 263 -1.75 -11.24 19.77
N GLY A 264 -1.69 -11.99 20.85
CA GLY A 264 -1.41 -11.45 22.17
C GLY A 264 -0.09 -10.76 22.26
N MET A 265 0.97 -11.44 21.81
CA MET A 265 2.28 -10.83 21.83
C MET A 265 2.35 -9.65 20.88
N GLY A 266 1.59 -9.69 19.80
CA GLY A 266 1.54 -8.56 18.92
C GLY A 266 1.02 -7.29 19.64
N SER A 267 0.00 -7.42 20.47
CA SER A 267 -0.41 -6.31 21.35
C SER A 267 0.68 -5.90 22.32
N LEU A 268 1.36 -6.87 22.97
CA LEU A 268 2.35 -6.48 23.97
C LEU A 268 3.55 -5.79 23.38
N LYS A 269 4.01 -6.25 22.21
CA LYS A 269 5.22 -5.67 21.56
C LYS A 269 5.04 -4.22 21.09
N VAL A 270 3.80 -3.74 20.89
CA VAL A 270 3.61 -2.37 20.50
C VAL A 270 3.34 -1.45 21.69
N GLY A 271 3.44 -1.99 22.90
CA GLY A 271 3.41 -1.17 24.12
C GLY A 271 2.14 -1.23 24.95
N THR A 272 1.26 -2.18 24.65
CA THR A 272 0.01 -2.32 25.39
C THR A 272 0.27 -2.73 26.82
N GLY A 273 -0.53 -2.21 27.75
CA GLY A 273 -0.27 -2.44 29.17
C GLY A 273 -0.63 -3.83 29.66
N LEU A 274 -1.79 -4.33 29.24
CA LEU A 274 -2.24 -5.65 29.67
C LEU A 274 -2.95 -6.36 28.52
N VAL A 275 -2.62 -7.64 28.33
CA VAL A 275 -3.24 -8.45 27.32
C VAL A 275 -3.77 -9.75 27.93
N LYS A 276 -5.07 -9.96 27.71
CA LYS A 276 -5.75 -11.17 28.10
C LYS A 276 -6.27 -11.90 26.90
N LEU A 277 -6.05 -13.19 26.88
CA LEU A 277 -6.62 -14.11 25.88
C LEU A 277 -7.72 -14.93 26.49
N ALA A 278 -8.75 -15.19 25.70
CA ALA A 278 -9.75 -16.20 26.03
C ALA A 278 -9.65 -17.26 24.96
N VAL A 279 -9.28 -18.46 25.39
CA VAL A 279 -8.95 -19.55 24.54
C VAL A 279 -9.50 -20.83 25.19
N PRO A 280 -10.10 -21.73 24.37
CA PRO A 280 -10.54 -23.05 24.89
C PRO A 280 -9.46 -23.81 25.62
N PHE A 281 -9.80 -24.26 26.84
CA PHE A 281 -8.98 -25.20 27.61
C PHE A 281 -8.85 -26.51 26.88
N PRO A 282 -7.64 -27.12 26.86
CA PRO A 282 -6.38 -26.69 27.49
C PRO A 282 -5.46 -25.90 26.58
N GLN A 283 -5.98 -25.47 25.42
CA GLN A 283 -5.14 -24.79 24.44
C GLN A 283 -4.71 -23.45 24.96
N ASN A 284 -5.43 -22.90 25.95
CA ASN A 284 -5.03 -21.65 26.55
C ASN A 284 -3.63 -21.75 27.19
N LEU A 285 -3.28 -22.95 27.62
CA LEU A 285 -2.01 -23.17 28.34
C LEU A 285 -0.77 -23.07 27.45
N ILE A 286 -0.98 -23.17 26.13
CA ILE A 286 0.06 -23.03 25.13
C ILE A 286 0.66 -21.63 25.20
N ALA A 287 -0.19 -20.62 25.42
CA ALA A 287 0.25 -19.22 25.29
C ALA A 287 1.21 -18.83 26.42
N THR A 288 0.89 -19.22 27.66
CA THR A 288 1.74 -18.88 28.79
C THR A 288 2.96 -19.76 28.90
N SER A 289 2.97 -20.94 28.33
CA SER A 289 4.20 -21.68 28.31
C SER A 289 5.21 -20.98 27.37
N ARG A 290 4.75 -20.30 26.36
CA ARG A 290 5.64 -19.59 25.44
C ARG A 290 5.95 -18.13 25.97
N PHE A 291 4.92 -17.41 26.40
CA PHE A 291 5.08 -16.04 26.89
C PHE A 291 4.29 -15.87 28.17
N PRO A 292 4.94 -16.04 29.32
CA PRO A 292 4.26 -16.06 30.59
C PRO A 292 3.76 -14.70 31.02
N GLU A 293 4.08 -13.65 30.25
CA GLU A 293 3.55 -12.31 30.54
C GLU A 293 2.12 -12.14 30.05
N LEU A 294 1.65 -13.08 29.24
CA LEU A 294 0.26 -13.11 28.79
C LEU A 294 -0.62 -13.67 29.89
N ILE A 295 -1.88 -13.21 29.92
CA ILE A 295 -2.92 -13.84 30.70
C ILE A 295 -3.67 -14.65 29.67
N SER A 296 -3.83 -15.94 29.94
CA SER A 296 -4.53 -16.80 29.01
C SER A 296 -5.62 -17.53 29.78
N VAL A 297 -6.87 -17.04 29.64
CA VAL A 297 -7.98 -17.54 30.41
C VAL A 297 -8.53 -18.82 29.77
N PRO A 298 -8.70 -19.85 30.58
CA PRO A 298 -9.25 -21.11 30.05
C PRO A 298 -10.78 -21.00 29.85
N ILE A 299 -11.27 -21.31 28.67
CA ILE A 299 -12.70 -21.24 28.41
C ILE A 299 -13.15 -22.68 28.25
N ASP A 300 -14.14 -23.07 29.04
CA ASP A 300 -14.57 -24.44 28.99
C ASP A 300 -15.58 -24.58 27.85
N THR A 301 -15.29 -25.45 26.91
CA THR A 301 -16.12 -25.63 25.73
C THR A 301 -16.50 -27.09 25.62
N GLU A 302 -17.54 -27.37 24.85
CA GLU A 302 -18.01 -28.75 24.68
C GLU A 302 -17.11 -29.58 23.78
N LYS A 303 -16.66 -29.00 22.67
CA LYS A 303 -15.94 -29.75 21.62
C LYS A 303 -14.68 -29.06 21.14
N GLY A 304 -14.19 -28.07 21.87
CA GLY A 304 -12.94 -27.40 21.51
C GLY A 304 -13.09 -26.10 20.74
N PHE A 305 -14.33 -25.61 20.58
CA PHE A 305 -14.66 -24.41 19.84
C PHE A 305 -15.60 -23.54 20.70
N PHE A 306 -15.46 -22.22 20.57
CA PHE A 306 -16.37 -21.29 21.20
C PHE A 306 -17.78 -21.54 20.67
N SER A 307 -18.76 -21.36 21.55
CA SER A 307 -20.18 -21.45 21.20
C SER A 307 -20.97 -20.45 22.04
N LEU A 308 -22.27 -20.38 21.79
CA LEU A 308 -23.12 -19.50 22.58
C LEU A 308 -23.00 -19.76 24.08
N GLN A 309 -22.64 -20.97 24.48
CA GLN A 309 -22.48 -21.18 25.91
C GLN A 309 -21.34 -20.36 26.54
N ASN A 310 -20.45 -19.81 25.71
CA ASN A 310 -19.39 -19.01 26.23
C ASN A 310 -19.66 -17.50 26.13
N LEU A 311 -20.85 -17.13 25.65
CA LEU A 311 -21.17 -15.72 25.38
C LEU A 311 -21.00 -14.89 26.65
N GLN A 312 -21.61 -15.34 27.74
CA GLN A 312 -21.70 -14.53 28.94
C GLN A 312 -20.34 -14.41 29.57
N GLU A 313 -19.57 -15.49 29.62
CA GLU A 313 -18.18 -15.36 30.10
C GLU A 313 -17.37 -14.32 29.28
N CYS A 314 -17.54 -14.32 27.97
CA CYS A 314 -16.74 -13.43 27.14
C CYS A 314 -17.14 -11.95 27.31
N LEU A 315 -18.44 -11.70 27.45
CA LEU A 315 -18.93 -10.37 27.72
C LEU A 315 -18.47 -9.93 29.11
N GLU A 316 -18.42 -10.81 30.11
CA GLU A 316 -17.88 -10.40 31.42
C GLU A 316 -16.41 -10.01 31.34
N LEU A 317 -15.63 -10.82 30.68
CA LEU A 317 -14.21 -10.54 30.45
C LEU A 317 -14.02 -9.19 29.71
N SER A 318 -14.91 -8.90 28.75
CA SER A 318 -14.89 -7.64 28.00
C SER A 318 -15.04 -6.35 28.81
N LYS A 319 -15.79 -6.39 29.90
CA LYS A 319 -16.05 -5.18 30.67
C LYS A 319 -14.80 -4.43 31.14
N ASP A 320 -13.75 -5.17 31.45
CA ASP A 320 -12.56 -4.59 32.09
C ASP A 320 -11.43 -4.41 31.11
N VAL A 321 -11.74 -4.38 29.79
CA VAL A 321 -10.73 -4.07 28.81
C VAL A 321 -11.19 -2.89 28.00
N ASP A 322 -10.27 -2.35 27.21
CA ASP A 322 -10.53 -1.22 26.32
C ASP A 322 -10.92 -1.65 24.91
N VAL A 323 -10.41 -2.79 24.45
CA VAL A 323 -10.65 -3.26 23.09
C VAL A 323 -10.66 -4.79 23.07
N VAL A 324 -11.45 -5.33 22.16
CA VAL A 324 -11.52 -6.76 21.94
C VAL A 324 -11.15 -7.10 20.49
N ALA A 325 -10.13 -7.97 20.31
CA ALA A 325 -9.84 -8.63 19.03
C ALA A 325 -10.48 -10.02 19.07
N ILE A 326 -11.13 -10.39 18.00
CA ILE A 326 -11.76 -11.69 17.88
C ILE A 326 -11.49 -12.31 16.50
N GLY A 327 -11.25 -13.63 16.43
CA GLY A 327 -11.26 -14.34 15.14
C GLY A 327 -10.13 -15.28 14.84
N PRO A 328 -8.91 -14.92 15.16
CA PRO A 328 -7.79 -15.79 14.73
C PRO A 328 -7.94 -17.20 15.34
N GLY A 329 -7.85 -18.20 14.48
CA GLY A 329 -8.02 -19.61 14.83
C GLY A 329 -9.29 -20.05 15.54
N LEU A 330 -10.40 -19.32 15.41
CA LEU A 330 -11.66 -19.75 16.09
C LEU A 330 -12.26 -20.96 15.46
N GLY A 331 -11.94 -21.16 14.19
CA GLY A 331 -12.66 -22.17 13.42
C GLY A 331 -13.92 -21.55 12.85
N ASN A 332 -14.51 -22.27 11.95
CA ASN A 332 -15.66 -21.77 11.30
C ASN A 332 -16.70 -22.90 11.17
N ASN A 333 -17.66 -22.94 12.07
CA ASN A 333 -18.79 -23.86 12.07
C ASN A 333 -19.95 -23.01 12.62
N GLU A 334 -21.13 -23.60 12.68
CA GLU A 334 -22.33 -22.86 12.99
C GLU A 334 -22.36 -22.29 14.40
N HIS A 335 -21.84 -23.03 15.38
CA HIS A 335 -21.84 -22.56 16.74
C HIS A 335 -20.85 -21.40 16.91
N VAL A 336 -19.71 -21.44 16.22
CA VAL A 336 -18.82 -20.28 16.18
C VAL A 336 -19.52 -19.07 15.55
N ARG A 337 -20.22 -19.28 14.44
CA ARG A 337 -20.99 -18.21 13.79
C ARG A 337 -22.00 -17.55 14.75
N GLU A 338 -22.76 -18.35 15.49
CA GLU A 338 -23.75 -17.82 16.45
C GLU A 338 -23.10 -17.01 17.54
N PHE A 339 -22.05 -17.58 18.12
CA PHE A 339 -21.31 -16.90 19.14
C PHE A 339 -20.72 -15.58 18.66
N VAL A 340 -20.04 -15.59 17.53
CA VAL A 340 -19.38 -14.40 17.05
C VAL A 340 -20.37 -13.24 16.83
N ASN A 341 -21.49 -13.53 16.19
CA ASN A 341 -22.46 -12.49 15.84
C ASN A 341 -23.22 -11.99 17.06
N GLU A 342 -23.62 -12.89 17.95
CA GLU A 342 -24.28 -12.46 19.18
C GLU A 342 -23.30 -11.64 20.06
N PHE A 343 -22.05 -12.07 20.13
CA PHE A 343 -21.06 -11.33 20.93
C PHE A 343 -20.88 -9.91 20.43
N LEU A 344 -20.58 -9.78 19.14
CA LEU A 344 -20.32 -8.44 18.56
C LEU A 344 -21.56 -7.54 18.58
N LYS A 345 -22.73 -8.11 18.40
CA LYS A 345 -23.97 -7.35 18.54
C LYS A 345 -24.15 -6.78 19.95
N THR A 346 -23.63 -7.47 20.96
CA THR A 346 -23.77 -7.01 22.35
C THR A 346 -22.54 -6.24 22.87
N LEU A 347 -21.36 -6.52 22.35
CA LEU A 347 -20.14 -5.85 22.85
C LEU A 347 -20.14 -4.35 22.55
N GLU A 348 -20.03 -3.54 23.60
CA GLU A 348 -19.95 -2.10 23.45
C GLU A 348 -18.55 -1.62 23.71
N LYS A 349 -17.61 -2.16 22.93
CA LYS A 349 -16.22 -1.80 23.01
C LYS A 349 -15.80 -1.82 21.54
N PRO A 350 -14.76 -1.05 21.19
CA PRO A 350 -14.16 -1.32 19.86
C PRO A 350 -13.77 -2.79 19.65
N ALA A 351 -13.93 -3.28 18.41
CA ALA A 351 -13.67 -4.66 18.04
C ALA A 351 -12.72 -4.66 16.89
N VAL A 352 -11.73 -5.57 16.91
CA VAL A 352 -10.88 -5.82 15.78
C VAL A 352 -11.28 -7.21 15.31
N ILE A 353 -11.76 -7.32 14.08
CA ILE A 353 -12.41 -8.55 13.60
C ILE A 353 -11.55 -9.12 12.48
N ASP A 354 -11.09 -10.37 12.66
CA ASP A 354 -10.13 -10.99 11.76
C ASP A 354 -10.52 -12.44 11.47
N ALA A 355 -10.01 -12.92 10.34
CA ALA A 355 -9.90 -14.35 10.04
C ALA A 355 -11.30 -15.01 10.17
N ASP A 356 -11.43 -16.02 11.02
CA ASP A 356 -12.69 -16.78 11.10
C ASP A 356 -13.87 -15.95 11.61
N ALA A 357 -13.64 -14.93 12.45
CA ALA A 357 -14.70 -13.99 12.78
C ALA A 357 -15.20 -13.22 11.53
N ILE A 358 -14.33 -12.98 10.55
CA ILE A 358 -14.78 -12.36 9.27
C ILE A 358 -15.60 -13.39 8.50
N ASN A 359 -15.06 -14.60 8.33
CA ASN A 359 -15.73 -15.70 7.62
C ASN A 359 -17.14 -16.00 8.09
N VAL A 360 -17.45 -15.82 9.37
CA VAL A 360 -18.82 -16.06 9.85
C VAL A 360 -19.64 -14.80 10.11
N LEU A 361 -19.05 -13.62 9.89
CA LEU A 361 -19.65 -12.37 10.23
C LEU A 361 -20.95 -12.15 9.45
N ASP A 362 -21.97 -11.74 10.17
CA ASP A 362 -23.21 -11.20 9.53
C ASP A 362 -23.01 -9.68 9.47
N THR A 363 -22.90 -9.11 8.27
CA THR A 363 -22.53 -7.67 8.14
C THR A 363 -23.64 -6.74 8.65
N SER A 364 -24.85 -7.26 8.81
CA SER A 364 -25.92 -6.50 9.50
C SER A 364 -25.54 -6.13 10.91
N VAL A 365 -24.85 -7.04 11.58
CA VAL A 365 -24.37 -6.81 12.92
C VAL A 365 -23.47 -5.59 12.99
N LEU A 366 -22.62 -5.39 11.98
CA LEU A 366 -21.73 -4.20 11.96
C LEU A 366 -22.45 -2.94 11.80
N LYS A 367 -23.52 -2.94 11.00
CA LYS A 367 -24.29 -1.71 10.84
C LYS A 367 -24.94 -1.38 12.16
N GLU A 368 -25.33 -2.38 12.94
CA GLU A 368 -26.10 -2.09 14.14
C GLU A 368 -25.23 -1.64 15.32
N ARG A 369 -23.92 -1.90 15.27
CA ARG A 369 -23.07 -1.65 16.43
C ARG A 369 -22.93 -0.15 16.62
N LYS A 370 -22.97 0.31 17.86
CA LYS A 370 -22.67 1.72 18.15
C LYS A 370 -21.18 1.90 18.33
N SER A 371 -20.49 0.87 18.82
CA SER A 371 -19.06 0.93 18.96
C SER A 371 -18.34 0.69 17.62
N PRO A 372 -17.08 1.18 17.52
CA PRO A 372 -16.32 1.05 16.27
C PRO A 372 -15.77 -0.36 16.00
N ALA A 373 -15.29 -0.56 14.78
CA ALA A 373 -14.69 -1.80 14.38
C ALA A 373 -13.63 -1.58 13.31
N VAL A 374 -12.63 -2.45 13.35
CA VAL A 374 -11.68 -2.62 12.29
C VAL A 374 -11.82 -4.06 11.81
N LEU A 375 -11.97 -4.24 10.50
CA LEU A 375 -11.92 -5.58 9.86
C LEU A 375 -10.63 -5.76 9.08
N THR A 376 -10.00 -6.92 9.19
CA THR A 376 -8.68 -7.11 8.59
C THR A 376 -8.62 -8.34 7.67
N PRO A 377 -9.41 -8.35 6.59
CA PRO A 377 -9.41 -9.48 5.68
C PRO A 377 -8.26 -9.46 4.68
N HIS A 378 -7.78 -10.64 4.30
CA HIS A 378 -7.05 -10.78 3.05
C HIS A 378 -8.10 -10.94 1.91
N PRO A 379 -7.67 -10.89 0.66
CA PRO A 379 -8.69 -10.81 -0.42
C PRO A 379 -9.65 -12.01 -0.51
N GLY A 380 -9.19 -13.20 -0.15
CA GLY A 380 -10.07 -14.35 -0.08
C GLY A 380 -11.19 -14.13 0.95
N GLU A 381 -10.81 -13.64 2.11
CA GLU A 381 -11.79 -13.32 3.14
C GLU A 381 -12.72 -12.16 2.69
N MET A 382 -12.16 -11.14 2.06
CA MET A 382 -12.98 -10.01 1.52
C MET A 382 -13.97 -10.50 0.46
N ALA A 383 -13.46 -11.33 -0.46
CA ALA A 383 -14.29 -11.88 -1.51
C ALA A 383 -15.52 -12.59 -0.90
N ARG A 384 -15.29 -13.49 0.06
CA ARG A 384 -16.38 -14.21 0.70
C ARG A 384 -17.32 -13.28 1.45
N LEU A 385 -16.78 -12.25 2.08
CA LEU A 385 -17.59 -11.32 2.84
C LEU A 385 -18.60 -10.52 1.97
N VAL A 386 -18.21 -10.08 0.77
CA VAL A 386 -19.12 -9.28 -0.04
C VAL A 386 -19.65 -10.17 -1.19
N LYS A 387 -19.33 -11.45 -1.18
CA LYS A 387 -19.88 -12.35 -2.20
C LYS A 387 -19.44 -12.00 -3.60
N LYS A 388 -18.16 -11.67 -3.75
CA LYS A 388 -17.57 -11.46 -5.06
C LYS A 388 -16.33 -12.37 -5.28
N THR A 389 -15.70 -12.27 -6.45
CA THR A 389 -14.52 -13.04 -6.71
C THR A 389 -13.33 -12.29 -6.15
N VAL A 390 -12.28 -13.06 -5.85
CA VAL A 390 -11.00 -12.52 -5.38
C VAL A 390 -10.50 -11.44 -6.38
N GLY A 391 -10.53 -11.77 -7.67
CA GLY A 391 -10.19 -10.82 -8.72
C GLY A 391 -11.01 -9.53 -8.75
N ASP A 392 -12.28 -9.56 -8.37
CA ASP A 392 -13.10 -8.34 -8.28
C ASP A 392 -12.70 -7.47 -7.07
N VAL A 393 -12.18 -8.05 -6.00
CA VAL A 393 -11.95 -7.30 -4.80
C VAL A 393 -10.48 -6.94 -4.60
N LYS A 394 -9.56 -7.70 -5.22
CA LYS A 394 -8.15 -7.50 -4.89
C LYS A 394 -7.71 -6.11 -5.39
N TYR A 395 -7.05 -5.35 -4.55
CA TYR A 395 -6.66 -3.94 -4.92
C TYR A 395 -7.81 -3.01 -5.34
N ASN A 396 -9.05 -3.40 -5.01
CA ASN A 396 -10.21 -2.62 -5.38
C ASN A 396 -10.52 -1.59 -4.30
N TYR A 397 -9.77 -0.49 -4.31
CA TYR A 397 -9.88 0.49 -3.20
C TYR A 397 -11.24 1.15 -3.19
N GLU A 398 -11.89 1.31 -4.33
CA GLU A 398 -13.25 1.90 -4.31
C GLU A 398 -14.24 0.99 -3.62
N LEU A 399 -14.14 -0.33 -3.80
CA LEU A 399 -15.04 -1.26 -3.13
C LEU A 399 -14.78 -1.23 -1.66
N ALA A 400 -13.51 -1.22 -1.27
CA ALA A 400 -13.18 -1.14 0.12
C ALA A 400 -13.73 0.14 0.80
N GLU A 401 -13.57 1.28 0.15
CA GLU A 401 -14.13 2.55 0.62
C GLU A 401 -15.65 2.45 0.81
N GLU A 402 -16.36 1.94 -0.19
CA GLU A 402 -17.83 1.80 -0.07
C GLU A 402 -18.21 0.87 1.06
N PHE A 403 -17.51 -0.26 1.18
CA PHE A 403 -17.80 -1.16 2.26
C PHE A 403 -17.59 -0.45 3.60
N ALA A 404 -16.47 0.28 3.74
CA ALA A 404 -16.14 0.91 5.03
C ALA A 404 -17.21 1.95 5.38
N LYS A 405 -17.57 2.78 4.40
CA LYS A 405 -18.57 3.83 4.55
C LYS A 405 -19.96 3.22 4.91
N GLU A 406 -20.40 2.22 4.16
CA GLU A 406 -21.69 1.56 4.39
C GLU A 406 -21.82 0.84 5.73
N ASN A 407 -20.72 0.30 6.21
CA ASN A 407 -20.78 -0.47 7.45
C ASN A 407 -20.17 0.27 8.61
N ASP A 408 -19.84 1.54 8.45
CA ASP A 408 -19.31 2.31 9.58
CA ASP A 408 -19.24 2.37 9.51
C ASP A 408 -18.03 1.72 10.19
N CYS A 409 -17.14 1.14 9.39
CA CYS A 409 -15.93 0.51 9.96
C CYS A 409 -14.67 1.02 9.29
N VAL A 410 -13.51 0.56 9.79
CA VAL A 410 -12.24 0.69 9.09
C VAL A 410 -12.01 -0.65 8.49
N LEU A 411 -11.68 -0.63 7.21
CA LEU A 411 -11.34 -1.82 6.48
C LEU A 411 -9.87 -1.83 6.17
N VAL A 412 -9.19 -2.90 6.56
CA VAL A 412 -7.77 -3.10 6.27
C VAL A 412 -7.68 -4.26 5.36
N LEU A 413 -7.53 -4.00 4.07
CA LEU A 413 -7.50 -5.07 3.05
C LEU A 413 -6.05 -5.42 2.77
N LYS A 414 -5.61 -6.52 3.34
CA LYS A 414 -4.21 -6.98 3.29
C LYS A 414 -3.77 -7.48 1.90
N SER A 415 -2.58 -7.05 1.47
CA SER A 415 -1.91 -7.64 0.30
C SER A 415 -0.53 -6.97 0.33
N ALA A 416 0.26 -7.22 -0.69
CA ALA A 416 1.62 -6.68 -0.70
C ALA A 416 1.56 -5.17 -0.53
N THR A 417 0.56 -4.52 -1.14
CA THR A 417 0.17 -3.17 -0.79
C THR A 417 -1.14 -3.31 -0.08
N THR A 418 -1.16 -2.84 1.16
CA THR A 418 -2.32 -2.93 1.97
C THR A 418 -3.09 -1.62 1.89
N ILE A 419 -4.41 -1.75 1.78
CA ILE A 419 -5.28 -0.60 1.77
C ILE A 419 -6.00 -0.43 3.13
N VAL A 420 -6.01 0.77 3.67
CA VAL A 420 -6.61 1.05 4.96
C VAL A 420 -7.53 2.21 4.69
N THR A 421 -8.81 2.07 4.99
CA THR A 421 -9.78 3.12 4.68
C THR A 421 -10.92 3.12 5.69
N ASP A 422 -11.45 4.29 5.99
CA ASP A 422 -12.71 4.39 6.71
C ASP A 422 -13.86 4.87 5.81
N GLY A 423 -13.63 4.86 4.49
CA GLY A 423 -14.63 5.40 3.53
C GLY A 423 -14.42 6.86 3.15
N GLU A 424 -13.65 7.61 3.93
CA GLU A 424 -13.39 9.01 3.63
C GLU A 424 -11.94 9.22 3.27
N LYS A 425 -11.08 8.66 4.10
CA LYS A 425 -9.65 8.73 3.90
C LYS A 425 -9.19 7.30 3.56
N THR A 426 -8.32 7.16 2.58
CA THR A 426 -7.75 5.90 2.17
C THR A 426 -6.22 6.00 2.12
N LEU A 427 -5.54 5.10 2.82
CA LEU A 427 -4.11 5.07 2.88
C LEU A 427 -3.57 3.75 2.33
N PHE A 428 -2.39 3.83 1.73
CA PHE A 428 -1.79 2.69 1.09
C PHE A 428 -0.52 2.40 1.82
N ASN A 429 -0.34 1.14 2.20
CA ASN A 429 0.92 0.73 2.81
C ASN A 429 1.82 -0.04 1.86
N ILE A 430 3.08 0.40 1.77
CA ILE A 430 4.04 -0.26 0.93
C ILE A 430 5.25 -0.93 1.65
N THR A 431 5.26 -0.95 2.99
CA THR A 431 6.31 -1.64 3.68
C THR A 431 6.04 -3.13 3.70
N GLY A 432 7.09 -3.92 3.85
CA GLY A 432 6.93 -5.39 3.97
C GLY A 432 7.70 -6.11 2.90
N ASN A 433 7.62 -7.44 2.92
CA ASN A 433 8.22 -8.28 1.92
C ASN A 433 7.49 -9.64 1.91
N THR A 434 7.95 -10.58 1.11
CA THR A 434 7.25 -11.85 0.97
C THR A 434 7.33 -12.77 2.17
N GLY A 435 8.08 -12.40 3.22
CA GLY A 435 8.15 -13.28 4.36
C GLY A 435 6.88 -13.18 5.17
N LEU A 436 6.10 -12.14 4.90
CA LEU A 436 4.83 -11.98 5.56
C LEU A 436 3.78 -12.87 4.90
N SER A 437 4.09 -13.45 3.73
CA SER A 437 3.19 -14.39 3.06
C SER A 437 3.31 -15.81 3.62
N LYS A 438 2.83 -15.97 4.84
CA LYS A 438 3.06 -17.16 5.62
C LYS A 438 2.10 -17.12 6.85
N GLY A 439 1.65 -18.28 7.26
CA GLY A 439 0.72 -18.35 8.36
C GLY A 439 1.27 -17.70 9.62
N GLY A 440 0.41 -16.94 10.28
CA GLY A 440 0.80 -16.36 11.56
C GLY A 440 0.97 -14.86 11.43
N SER A 441 1.31 -14.39 10.24
CA SER A 441 1.59 -12.96 10.00
C SER A 441 0.42 -12.06 10.34
N GLY A 442 -0.73 -12.42 9.85
CA GLY A 442 -1.98 -11.71 10.09
C GLY A 442 -2.37 -11.69 11.56
N ASP A 443 -2.09 -12.79 12.26
CA ASP A 443 -2.47 -12.87 13.66
C ASP A 443 -1.70 -11.80 14.45
N VAL A 444 -0.44 -11.62 14.10
CA VAL A 444 0.37 -10.57 14.71
C VAL A 444 -0.22 -9.20 14.43
N LEU A 445 -0.56 -8.91 13.17
CA LEU A 445 -1.08 -7.59 12.84
C LEU A 445 -2.37 -7.31 13.67
N THR A 446 -3.23 -8.31 13.79
CA THR A 446 -4.50 -8.12 14.54
C THR A 446 -4.24 -7.65 15.99
N GLY A 447 -3.26 -8.29 16.65
CA GLY A 447 -2.79 -7.88 17.97
C GLY A 447 -2.26 -6.46 17.99
N MET A 448 -1.47 -6.10 16.99
CA MET A 448 -0.92 -4.74 16.91
C MET A 448 -2.00 -3.68 16.84
N ILE A 449 -2.97 -3.90 15.95
CA ILE A 449 -4.02 -2.94 15.80
C ILE A 449 -4.82 -2.76 17.08
N ALA A 450 -5.22 -3.87 17.70
CA ALA A 450 -5.94 -3.81 18.98
C ALA A 450 -5.16 -3.05 20.02
N GLY A 451 -3.86 -3.31 20.07
CA GLY A 451 -2.97 -2.66 21.05
C GLY A 451 -2.91 -1.16 20.90
N PHE A 452 -2.84 -0.69 19.68
CA PHE A 452 -2.77 0.73 19.46
C PHE A 452 -4.10 1.39 19.75
N ILE A 453 -5.20 0.70 19.45
CA ILE A 453 -6.49 1.26 19.84
C ILE A 453 -6.56 1.37 21.37
N ALA A 454 -6.13 0.33 22.07
CA ALA A 454 -6.12 0.34 23.50
C ALA A 454 -5.28 1.50 24.09
N GLN A 455 -4.22 1.88 23.37
CA GLN A 455 -3.36 2.98 23.82
C GLN A 455 -3.94 4.35 23.46
N GLY A 456 -5.05 4.43 22.74
CA GLY A 456 -5.67 5.73 22.55
C GLY A 456 -5.73 6.14 21.09
N LEU A 457 -5.14 5.41 20.15
CA LEU A 457 -5.29 5.85 18.76
C LEU A 457 -6.71 5.47 18.28
N SER A 458 -7.25 6.26 17.37
CA SER A 458 -8.48 5.90 16.67
C SER A 458 -8.28 4.58 15.88
N PRO A 459 -9.38 3.88 15.59
CA PRO A 459 -9.31 2.69 14.71
C PRO A 459 -8.50 2.92 13.41
N LEU A 460 -8.69 4.07 12.78
CA LEU A 460 -8.00 4.36 11.52
C LEU A 460 -6.52 4.59 11.80
N GLU A 461 -6.21 5.44 12.76
CA GLU A 461 -4.81 5.68 13.16
C GLU A 461 -4.09 4.42 13.59
N ALA A 462 -4.77 3.60 14.38
CA ALA A 462 -4.20 2.33 14.88
C ALA A 462 -3.86 1.41 13.72
N SER A 463 -4.77 1.36 12.76
CA SER A 463 -4.53 0.53 11.59
C SER A 463 -3.37 1.05 10.72
N THR A 464 -3.29 2.37 10.56
CA THR A 464 -2.27 2.96 9.73
C THR A 464 -0.85 2.67 10.29
N VAL A 465 -0.69 2.88 11.59
CA VAL A 465 0.59 2.71 12.25
C VAL A 465 0.95 1.22 12.26
N SER A 466 -0.06 0.37 12.44
CA SER A 466 0.19 -1.07 12.57
C SER A 466 0.62 -1.71 11.25
N VAL A 467 -0.07 -1.39 10.17
CA VAL A 467 0.32 -1.99 8.88
C VAL A 467 1.73 -1.56 8.52
N TYR A 468 2.06 -0.29 8.75
CA TYR A 468 3.40 0.18 8.44
C TYR A 468 4.49 -0.55 9.24
N LEU A 469 4.38 -0.57 10.56
CA LEU A 469 5.36 -1.15 11.48
C LEU A 469 5.47 -2.67 11.27
N HIS A 470 4.35 -3.31 10.97
CA HIS A 470 4.30 -4.80 10.73
C HIS A 470 5.17 -5.10 9.49
N GLY A 471 5.05 -4.25 8.48
CA GLY A 471 5.80 -4.41 7.25
C GLY A 471 7.25 -4.05 7.47
N PHE A 472 7.50 -2.94 8.15
CA PHE A 472 8.85 -2.51 8.42
C PHE A 472 9.64 -3.53 9.30
N ALA A 473 9.00 -4.07 10.33
CA ALA A 473 9.61 -5.15 11.11
C ALA A 473 10.11 -6.31 10.19
N ALA A 474 9.30 -6.72 9.21
CA ALA A 474 9.65 -7.80 8.29
C ALA A 474 10.90 -7.46 7.52
N GLU A 475 11.03 -6.20 7.14
CA GLU A 475 12.17 -5.75 6.38
C GLU A 475 13.42 -5.75 7.24
N LEU A 476 13.30 -5.75 8.55
CA LEU A 476 14.50 -5.67 9.37
C LEU A 476 15.04 -7.07 9.64
N PHE A 477 14.38 -8.14 9.18
CA PHE A 477 14.91 -9.49 9.35
C PHE A 477 16.30 -9.57 8.67
N GLU A 478 17.25 -10.04 9.44
CA GLU A 478 18.64 -10.14 9.05
C GLU A 478 18.98 -11.16 7.94
N GLN A 479 18.18 -12.20 7.81
CA GLN A 479 18.50 -13.27 6.85
C GLN A 479 17.51 -13.24 5.68
N ASP A 480 17.48 -14.27 4.84
CA ASP A 480 16.59 -14.26 3.68
C ASP A 480 15.12 -14.20 4.10
N GLU A 481 14.39 -13.31 3.48
CA GLU A 481 12.99 -13.03 3.92
C GLU A 481 12.13 -14.25 3.88
N ARG A 482 12.44 -15.21 3.03
CA ARG A 482 11.54 -16.34 2.96
C ARG A 482 11.59 -17.19 4.22
N GLY A 483 12.60 -17.00 5.06
CA GLY A 483 12.74 -17.72 6.27
C GLY A 483 12.13 -17.00 7.44
N LEU A 484 11.54 -15.81 7.20
CA LEU A 484 10.87 -15.09 8.28
C LEU A 484 9.64 -15.84 8.78
N THR A 485 9.48 -15.91 10.10
CA THR A 485 8.30 -16.48 10.72
C THR A 485 7.74 -15.45 11.67
N ALA A 486 6.48 -15.66 12.05
CA ALA A 486 5.75 -14.74 12.90
C ALA A 486 6.42 -14.46 14.24
N SER A 487 7.04 -15.48 14.82
CA SER A 487 7.73 -15.39 16.08
C SER A 487 8.93 -14.43 15.93
N GLU A 488 9.62 -14.48 14.78
CA GLU A 488 10.76 -13.63 14.54
C GLU A 488 10.23 -12.22 14.31
N LEU A 489 9.10 -12.09 13.65
CA LEU A 489 8.53 -10.80 13.39
C LEU A 489 8.21 -10.07 14.68
N LEU A 490 7.62 -10.79 15.64
CA LEU A 490 7.34 -10.22 16.95
C LEU A 490 8.61 -9.65 17.59
N ARG A 491 9.72 -10.39 17.49
CA ARG A 491 10.99 -9.96 18.06
C ARG A 491 11.45 -8.65 17.41
N LEU A 492 11.15 -8.45 16.11
CA LEU A 492 11.58 -7.29 15.36
C LEU A 492 10.70 -6.05 15.54
N ILE A 493 9.51 -6.17 16.13
CA ILE A 493 8.65 -5.02 16.30
C ILE A 493 9.30 -3.86 17.08
N PRO A 494 9.89 -4.12 18.25
CA PRO A 494 10.45 -2.98 18.98
C PRO A 494 11.64 -2.31 18.30
N GLU A 495 12.37 -3.02 17.44
CA GLU A 495 13.35 -2.39 16.62
C GLU A 495 12.74 -1.47 15.52
N ALA A 496 11.72 -1.96 14.83
CA ALA A 496 10.96 -1.12 13.92
C ALA A 496 10.51 0.18 14.62
N ILE A 497 9.94 0.07 15.81
CA ILE A 497 9.53 1.24 16.58
C ILE A 497 10.72 2.16 16.85
N ARG A 498 11.83 1.63 17.33
CA ARG A 498 13.00 2.48 17.62
C ARG A 498 13.47 3.18 16.34
N ARG A 499 13.51 2.43 15.24
CA ARG A 499 13.97 3.03 13.97
C ARG A 499 13.04 4.09 13.44
N LEU A 500 11.76 3.95 13.73
CA LEU A 500 10.80 4.96 13.35
C LEU A 500 11.02 6.31 14.05
N LYS A 501 11.78 6.34 15.15
CA LYS A 501 11.88 7.56 16.01
C LYS A 501 13.16 8.39 15.90
N ALA B 1 15.49 17.74 -0.42
CA ALA B 1 14.04 17.48 -0.58
C ALA B 1 13.19 18.46 -1.42
N TRP B 2 13.73 19.58 -1.90
CA TRP B 2 12.82 20.51 -2.62
C TRP B 2 12.29 19.90 -3.92
N LEU B 3 13.16 19.25 -4.69
CA LEU B 3 12.77 18.72 -6.00
C LEU B 3 12.10 17.35 -5.90
N PHE B 4 12.67 16.43 -5.13
CA PHE B 4 12.26 15.04 -5.14
C PHE B 4 11.75 14.55 -3.79
N GLU B 5 10.63 13.84 -3.79
CA GLU B 5 10.24 12.85 -2.74
C GLU B 5 10.66 11.42 -3.26
N ALA B 6 11.34 10.64 -2.42
CA ALA B 6 12.03 9.41 -2.89
C ALA B 6 11.48 8.15 -2.25
#